data_5FAT
#
_entry.id   5FAT
#
_cell.length_a   73.110
_cell.length_b   75.750
_cell.length_c   106.650
_cell.angle_alpha   90.00
_cell.angle_beta   90.00
_cell.angle_gamma   90.00
#
_symmetry.space_group_name_H-M   'P 21 21 21'
#
loop_
_entity.id
_entity.type
_entity.pdbx_description
1 polymer Beta-lactamase
2 non-polymer '[[(3~{R},6~{S})-6-[(azetidin-3-ylcarbonylamino)carbamoyl]-1-methanoyl-piperidin-3-yl]amino] hydrogen sulfate'
3 non-polymer 'CHLORIDE ION'
4 non-polymer 'CADMIUM ION'
5 non-polymer 'COBALT (II) ION'
6 water water
#
_entity_poly.entity_id   1
_entity_poly.type   'polypeptide(L)'
_entity_poly.pdbx_seq_one_letter_code
;KEWQENKSWNAHFTEHKSQGVVVLWNENKQQGFTNNLKRANQAFLPASTFKIPNSLIALDLGVVKDEHQVFKWDGQTRDI
ATWNRDHNLITAMKYSVVPVYQEFARQIGEARMSKMLHAFDYGNEDISGNVDSFWLDGGIRISATEQISFLRKLYHNKLH
VSERSQRIVKQAMLTEANGDYIIRAKTGYSTRIEPKIGWWVGWVELDDNVWFFAMNMDMPTSDGLGLRQAITKEVLKQEK
IIP
;
_entity_poly.pdbx_strand_id   A,B
#
loop_
_chem_comp.id
_chem_comp.type
_chem_comp.name
_chem_comp.formula
602 non-polymer '[[(3~{R},6~{S})-6-[(azetidin-3-ylcarbonylamino)carbamoyl]-1-methanoyl-piperidin-3-yl]amino] hydrogen sulfate' 'C11 H19 N5 O7 S'
CD non-polymer 'CADMIUM ION' 'Cd 2'
CL non-polymer 'CHLORIDE ION' 'Cl -1'
CO non-polymer 'COBALT (II) ION' 'Co 2'
#
# COMPACT_ATOMS: atom_id res chain seq x y z
N LYS A 1 28.23 -5.69 -1.40
CA LYS A 1 27.55 -4.56 -0.69
C LYS A 1 28.44 -3.90 0.36
N GLU A 2 28.87 -2.67 0.07
CA GLU A 2 29.74 -1.88 0.95
C GLU A 2 28.92 -1.20 2.05
N TRP A 3 29.44 -1.19 3.28
CA TRP A 3 28.80 -0.45 4.35
C TRP A 3 29.71 0.57 5.03
N GLN A 4 29.35 1.86 5.00
CA GLN A 4 30.04 2.83 5.83
C GLN A 4 29.55 2.78 7.30
N GLU A 5 30.44 2.99 8.26
CA GLU A 5 30.05 3.09 9.66
C GLU A 5 29.73 4.51 10.06
N ASN A 6 28.59 4.75 10.71
CA ASN A 6 28.29 6.08 11.22
C ASN A 6 27.86 5.96 12.68
N LYS A 7 28.84 6.22 13.55
CA LYS A 7 28.66 5.99 14.97
C LYS A 7 27.77 7.03 15.64
N SER A 8 27.49 8.13 14.96
CA SER A 8 26.69 9.18 15.56
C SER A 8 25.27 8.68 15.86
N TRP A 9 24.82 7.61 15.20
CA TRP A 9 23.48 7.10 15.46
C TRP A 9 23.39 6.44 16.83
N ASN A 10 24.53 6.07 17.39
CA ASN A 10 24.54 5.54 18.75
C ASN A 10 23.87 6.46 19.77
N ALA A 11 23.80 7.75 19.51
CA ALA A 11 23.18 8.65 20.46
C ALA A 11 21.70 8.30 20.62
N HIS A 12 21.08 7.83 19.55
CA HIS A 12 19.65 7.49 19.64
C HIS A 12 19.41 6.23 20.44
N PHE A 13 20.35 5.29 20.43
CA PHE A 13 20.26 4.10 21.29
C PHE A 13 20.53 4.46 22.76
N THR A 14 21.60 5.21 22.94
CA THR A 14 22.07 5.59 24.25
C THR A 14 21.07 6.41 25.03
N GLU A 15 20.50 7.43 24.39
CA GLU A 15 19.45 8.23 24.98
C GLU A 15 18.26 7.36 25.34
N HIS A 16 18.14 6.14 24.83
CA HIS A 16 16.99 5.32 25.15
C HIS A 16 17.43 4.11 25.93
N LYS A 17 18.63 4.22 26.50
CA LYS A 17 19.17 3.17 27.35
C LYS A 17 19.19 1.81 26.65
N SER A 18 19.64 1.82 25.39
CA SER A 18 19.47 0.65 24.56
C SER A 18 20.76 0.36 23.82
N GLN A 19 20.88 -0.86 23.34
CA GLN A 19 21.98 -1.26 22.50
C GLN A 19 21.40 -1.94 21.25
N GLY A 20 21.95 -1.61 20.09
CA GLY A 20 21.52 -2.30 18.88
C GLY A 20 22.14 -1.69 17.65
N VAL A 21 21.66 -2.13 16.49
CA VAL A 21 22.15 -1.68 15.21
C VAL A 21 21.00 -1.28 14.30
N VAL A 22 21.26 -0.25 13.51
CA VAL A 22 20.41 0.14 12.42
C VAL A 22 21.29 0.05 11.19
N VAL A 23 20.74 -0.52 10.12
CA VAL A 23 21.43 -0.69 8.84
C VAL A 23 20.52 -0.12 7.75
N LEU A 24 21.08 0.78 6.94
CA LEU A 24 20.36 1.46 5.90
C LEU A 24 21.08 1.17 4.59
N TRP A 25 20.30 1.09 3.51
CA TRP A 25 20.81 0.93 2.17
C TRP A 25 20.09 1.88 1.23
N ASN A 26 20.88 2.71 0.59
CA ASN A 26 20.41 3.69 -0.38
C ASN A 26 20.46 3.02 -1.75
N GLU A 27 19.28 2.79 -2.34
CA GLU A 27 19.16 1.97 -3.54
C GLU A 27 19.77 2.66 -4.78
N ASN A 28 19.52 3.95 -4.93
CA ASN A 28 20.06 4.69 -6.07
C ASN A 28 21.57 4.72 -6.04
N LYS A 29 22.16 4.94 -4.88
CA LYS A 29 23.61 5.04 -4.81
C LYS A 29 24.27 3.71 -4.56
N GLN A 30 23.49 2.71 -4.15
CA GLN A 30 24.04 1.39 -3.90
C GLN A 30 25.10 1.48 -2.84
N GLN A 31 24.79 2.22 -1.78
CA GLN A 31 25.66 2.35 -0.60
C GLN A 31 24.91 2.05 0.70
N GLY A 32 25.63 1.43 1.63
CA GLY A 32 25.07 1.12 2.92
C GLY A 32 25.69 1.90 4.06
N PHE A 33 24.91 2.09 5.11
CA PHE A 33 25.38 2.75 6.31
C PHE A 33 24.87 1.99 7.53
N THR A 34 25.65 2.01 8.60
CA THR A 34 25.27 1.39 9.86
C THR A 34 26.04 2.03 10.99
N ASN A 35 25.45 2.03 12.18
CA ASN A 35 26.16 2.48 13.37
C ASN A 35 27.13 1.44 13.90
N ASN A 36 26.94 0.17 13.56
CA ASN A 36 27.80 -0.87 14.09
C ASN A 36 28.02 -2.04 13.11
N LEU A 37 29.18 -2.01 12.48
CA LEU A 37 29.53 -2.95 11.44
C LEU A 37 29.48 -4.37 11.94
N LYS A 38 30.01 -4.61 13.12
CA LYS A 38 30.02 -5.99 13.62
C LYS A 38 28.61 -6.49 13.84
N ARG A 39 27.85 -5.68 14.58
CA ARG A 39 26.51 -6.15 14.92
C ARG A 39 25.61 -6.21 13.68
N ALA A 40 25.89 -5.36 12.71
CA ALA A 40 25.23 -5.41 11.40
C ALA A 40 25.30 -6.78 10.72
N ASN A 41 26.40 -7.50 10.96
CA ASN A 41 26.62 -8.81 10.38
C ASN A 41 26.42 -9.95 11.34
N GLN A 42 25.97 -9.66 12.55
CA GLN A 42 25.70 -10.72 13.50
C GLN A 42 24.29 -11.30 13.26
N ALA A 43 24.20 -12.62 13.18
CA ALA A 43 23.00 -13.30 12.75
C ALA A 43 22.22 -13.79 13.98
N PHE A 44 20.90 -13.63 13.91
CA PHE A 44 20.01 -13.91 15.04
C PHE A 44 18.82 -14.69 14.53
N LEU A 45 18.05 -15.32 15.41
CA LEU A 45 16.79 -15.86 14.98
C LEU A 45 15.92 -14.73 14.42
N PRO A 46 15.19 -14.99 13.35
CA PRO A 46 14.42 -13.95 12.67
C PRO A 46 13.10 -13.68 13.40
N ALA A 47 12.65 -14.65 14.18
CA ALA A 47 11.33 -14.61 14.82
C ALA A 47 10.30 -14.09 13.83
N SER A 48 9.46 -13.15 14.25
CA SER A 48 8.30 -12.80 13.40
C SER A 48 8.63 -12.14 12.06
N THR A 49 9.88 -11.70 11.88
CA THR A 49 10.28 -11.24 10.56
C THR A 49 10.27 -12.38 9.53
N PHE A 50 10.26 -13.61 9.99
CA PHE A 50 10.11 -14.76 9.15
C PHE A 50 8.74 -14.81 8.49
N LYS A 51 7.77 -14.06 8.95
CA LYS A 51 6.48 -14.03 8.24
C LYS A 51 6.57 -13.52 6.79
N ILE A 52 7.60 -12.75 6.46
CA ILE A 52 7.77 -12.34 5.08
C ILE A 52 8.07 -13.53 4.18
N PRO A 53 9.14 -14.28 4.43
CA PRO A 53 9.34 -15.41 3.52
C PRO A 53 8.29 -16.51 3.61
N ASN A 54 7.80 -16.78 4.83
CA ASN A 54 6.75 -17.76 5.05
C ASN A 54 5.50 -17.41 4.25
N SER A 55 5.11 -16.14 4.24
CA SER A 55 3.97 -15.69 3.42
C SER A 55 4.23 -15.92 1.94
N LEU A 56 5.43 -15.58 1.49
CA LEU A 56 5.74 -15.75 0.10
C LEU A 56 5.66 -17.22 -0.35
N ILE A 57 6.23 -18.11 0.45
CA ILE A 57 6.19 -19.52 0.14
C ILE A 57 4.75 -20.06 0.21
N ALA A 58 3.99 -19.66 1.22
CA ALA A 58 2.63 -20.14 1.38
C ALA A 58 1.76 -19.72 0.21
N LEU A 59 1.94 -18.49 -0.26
CA LEU A 59 1.21 -18.01 -1.45
C LEU A 59 1.65 -18.73 -2.72
N ASP A 60 2.95 -18.87 -2.92
CA ASP A 60 3.47 -19.48 -4.14
C ASP A 60 3.04 -20.92 -4.32
N LEU A 61 2.94 -21.67 -3.22
CA LEU A 61 2.49 -23.05 -3.26
C LEU A 61 0.97 -23.16 -3.21
N GLY A 62 0.28 -22.06 -3.06
CA GLY A 62 -1.18 -22.16 -2.97
C GLY A 62 -1.67 -22.65 -1.62
N VAL A 63 -0.82 -22.66 -0.61
CA VAL A 63 -1.29 -22.90 0.74
C VAL A 63 -2.23 -21.78 1.21
N VAL A 64 -1.90 -20.55 0.82
CA VAL A 64 -2.78 -19.39 0.94
C VAL A 64 -3.22 -19.01 -0.47
N LYS A 65 -4.52 -18.94 -0.69
CA LYS A 65 -5.03 -18.65 -2.01
C LYS A 65 -4.84 -17.18 -2.38
N ASP A 66 -5.15 -16.31 -1.43
CA ASP A 66 -4.97 -14.88 -1.64
C ASP A 66 -5.11 -14.15 -0.31
N GLU A 67 -5.14 -12.82 -0.37
CA GLU A 67 -5.05 -12.04 0.85
C GLU A 67 -6.41 -11.89 1.56
N HIS A 68 -7.47 -12.48 1.00
CA HIS A 68 -8.79 -12.50 1.63
C HIS A 68 -9.19 -13.83 2.27
N GLN A 69 -8.47 -14.90 2.02
CA GLN A 69 -8.81 -16.18 2.59
C GLN A 69 -8.76 -16.02 4.10
N VAL A 70 -9.78 -16.56 4.78
CA VAL A 70 -9.95 -16.43 6.20
C VAL A 70 -9.41 -17.67 6.87
N PHE A 71 -8.52 -17.46 7.85
CA PHE A 71 -7.98 -18.52 8.70
C PHE A 71 -8.74 -18.42 10.04
N LYS A 72 -9.63 -19.38 10.24
CA LYS A 72 -10.53 -19.37 11.38
C LYS A 72 -9.71 -19.60 12.59
N TRP A 73 -9.99 -18.83 13.62
CA TRP A 73 -9.36 -19.04 14.93
C TRP A 73 -9.58 -20.49 15.31
N ASP A 74 -8.54 -21.15 15.84
CA ASP A 74 -8.65 -22.56 16.23
C ASP A 74 -9.29 -22.74 17.62
N GLY A 75 -9.81 -21.69 18.24
CA GLY A 75 -10.50 -21.84 19.52
C GLY A 75 -9.60 -21.86 20.75
N GLN A 76 -8.29 -21.85 20.58
CA GLN A 76 -7.39 -21.78 21.70
C GLN A 76 -7.03 -20.32 22.03
N THR A 77 -7.31 -19.92 23.28
CA THR A 77 -7.01 -18.57 23.80
C THR A 77 -5.54 -18.37 24.13
N ARG A 78 -4.92 -17.36 23.53
CA ARG A 78 -3.50 -17.15 23.75
C ARG A 78 -3.33 -15.78 24.39
N ASP A 79 -2.11 -15.48 24.81
CA ASP A 79 -1.82 -14.30 25.61
C ASP A 79 -2.22 -13.01 24.90
N ILE A 80 -2.00 -12.95 23.60
CA ILE A 80 -2.17 -11.72 22.81
C ILE A 80 -3.58 -11.76 22.23
N ALA A 81 -4.43 -10.90 22.74
CA ALA A 81 -5.84 -11.00 22.49
C ALA A 81 -6.18 -10.91 21.02
N THR A 82 -5.39 -10.18 20.25
CA THR A 82 -5.72 -10.02 18.82
C THR A 82 -5.59 -11.34 18.05
N TRP A 83 -4.89 -12.29 18.61
CA TRP A 83 -4.76 -13.60 17.98
C TRP A 83 -5.99 -14.47 18.11
N ASN A 84 -6.91 -14.10 18.98
CA ASN A 84 -8.02 -15.00 19.33
C ASN A 84 -9.23 -14.64 18.53
N ARG A 85 -9.07 -14.68 17.21
CA ARG A 85 -10.10 -14.21 16.29
C ARG A 85 -9.73 -14.69 14.88
N ASP A 86 -10.65 -14.62 13.94
CA ASP A 86 -10.35 -14.97 12.57
C ASP A 86 -9.38 -13.97 11.96
N HIS A 87 -8.57 -14.43 11.01
CA HIS A 87 -7.65 -13.55 10.30
C HIS A 87 -7.58 -13.82 8.80
N ASN A 88 -7.06 -12.83 8.08
CA ASN A 88 -6.57 -13.06 6.74
C ASN A 88 -5.10 -12.69 6.69
N LEU A 89 -4.49 -12.78 5.51
CA LEU A 89 -3.05 -12.54 5.42
C LEU A 89 -2.66 -11.14 5.89
N ILE A 90 -3.51 -10.16 5.59
CA ILE A 90 -3.18 -8.78 5.91
C ILE A 90 -3.16 -8.59 7.40
N THR A 91 -4.19 -9.07 8.07
CA THR A 91 -4.32 -8.83 9.50
C THR A 91 -3.41 -9.79 10.28
N ALA A 92 -3.15 -10.98 9.71
CA ALA A 92 -2.24 -11.92 10.35
C ALA A 92 -0.81 -11.39 10.37
N MET A 93 -0.43 -10.61 9.37
CA MET A 93 0.84 -9.88 9.40
C MET A 93 0.81 -8.70 10.38
N LYS A 94 -0.26 -7.93 10.28
CA LYS A 94 -0.45 -6.76 11.09
C LYS A 94 -0.38 -7.11 12.56
N TYR A 95 -1.08 -8.16 12.99
CA TYR A 95 -1.07 -8.50 14.41
C TYR A 95 -0.10 -9.62 14.72
N SER A 96 0.71 -10.00 13.72
CA SER A 96 1.79 -11.01 13.89
C SER A 96 1.33 -12.31 14.53
N VAL A 97 0.28 -12.87 13.95
CA VAL A 97 -0.44 -14.02 14.48
C VAL A 97 0.33 -15.32 14.17
N VAL A 98 1.26 -15.66 15.06
CA VAL A 98 2.05 -16.89 14.98
C VAL A 98 1.29 -18.17 14.62
N PRO A 99 0.15 -18.47 15.27
CA PRO A 99 -0.44 -19.77 15.01
C PRO A 99 -0.93 -19.91 13.57
N VAL A 100 -1.28 -18.82 12.91
CA VAL A 100 -1.72 -18.90 11.51
C VAL A 100 -0.49 -19.29 10.67
N TYR A 101 0.68 -18.76 11.00
CA TYR A 101 1.89 -19.03 10.23
C TYR A 101 2.50 -20.41 10.57
N GLN A 102 2.16 -20.92 11.76
CA GLN A 102 2.58 -22.27 12.09
C GLN A 102 1.81 -23.30 11.27
N GLU A 103 0.52 -23.05 11.07
CA GLU A 103 -0.26 -23.87 10.15
C GLU A 103 0.33 -23.82 8.74
N PHE A 104 0.70 -22.64 8.25
CA PHE A 104 1.33 -22.56 6.93
C PHE A 104 2.54 -23.48 6.85
N ALA A 105 3.40 -23.35 7.85
CA ALA A 105 4.68 -24.05 7.84
C ALA A 105 4.42 -25.54 7.83
N ARG A 106 3.44 -25.99 8.61
CA ARG A 106 3.13 -27.44 8.64
C ARG A 106 2.71 -27.90 7.26
N GLN A 107 1.89 -27.10 6.58
CA GLN A 107 1.39 -27.50 5.25
C GLN A 107 2.50 -27.41 4.20
N ILE A 108 3.36 -26.39 4.31
CA ILE A 108 4.46 -26.25 3.38
C ILE A 108 5.36 -27.50 3.43
N GLY A 109 5.71 -27.86 4.66
CA GLY A 109 6.56 -29.01 4.93
C GLY A 109 8.04 -28.70 4.84
N GLU A 110 8.82 -29.53 5.53
CA GLU A 110 10.26 -29.39 5.69
C GLU A 110 10.98 -29.31 4.34
N ALA A 111 10.63 -30.17 3.38
CA ALA A 111 11.39 -30.31 2.11
C ALA A 111 11.26 -29.08 1.23
N ARG A 112 10.02 -28.62 1.03
CA ARG A 112 9.75 -27.38 0.29
C ARG A 112 10.25 -26.14 1.00
N MET A 113 10.12 -26.14 2.33
CA MET A 113 10.61 -24.98 3.09
C MET A 113 12.12 -24.80 2.90
N SER A 114 12.86 -25.88 3.09
CA SER A 114 14.30 -25.85 2.88
C SER A 114 14.65 -25.42 1.47
N LYS A 115 13.98 -25.98 0.47
CA LYS A 115 14.30 -25.60 -0.91
C LYS A 115 14.06 -24.12 -1.10
N MET A 116 12.96 -23.63 -0.56
CA MET A 116 12.63 -22.22 -0.76
C MET A 116 13.66 -21.33 -0.10
N LEU A 117 14.04 -21.66 1.10
CA LEU A 117 15.03 -20.80 1.76
C LEU A 117 16.43 -20.80 1.09
N HIS A 118 16.85 -21.93 0.51
CA HIS A 118 18.01 -21.92 -0.38
C HIS A 118 17.77 -21.03 -1.56
N ALA A 119 16.64 -21.22 -2.23
CA ALA A 119 16.37 -20.33 -3.34
C ALA A 119 16.46 -18.86 -2.90
N PHE A 120 16.05 -18.52 -1.70
CA PHE A 120 15.99 -17.12 -1.27
C PHE A 120 17.35 -16.66 -0.77
N ASP A 121 18.29 -17.57 -0.55
CA ASP A 121 19.54 -17.25 0.12
C ASP A 121 19.26 -16.61 1.48
N TYR A 122 18.28 -17.19 2.19
CA TYR A 122 17.79 -16.64 3.44
C TYR A 122 18.68 -17.02 4.63
N GLY A 123 19.50 -16.07 5.06
CA GLY A 123 20.36 -16.25 6.22
C GLY A 123 21.30 -17.42 6.03
N ASN A 124 21.37 -18.31 7.01
CA ASN A 124 22.18 -19.51 6.92
C ASN A 124 21.42 -20.68 6.35
N GLU A 125 20.20 -20.45 5.90
CA GLU A 125 19.44 -21.41 5.12
C GLU A 125 19.13 -22.68 5.87
N ASP A 126 19.18 -22.61 7.19
CA ASP A 126 19.16 -23.82 8.00
C ASP A 126 17.84 -23.90 8.73
N ILE A 127 17.06 -24.94 8.43
CA ILE A 127 15.78 -25.07 9.09
C ILE A 127 15.74 -26.10 10.20
N SER A 128 16.89 -26.48 10.77
CA SER A 128 16.92 -27.44 11.88
C SER A 128 15.94 -27.05 12.99
N GLY A 129 15.23 -28.01 13.57
CA GLY A 129 14.35 -27.73 14.71
C GLY A 129 12.97 -28.13 14.27
N ASN A 130 11.92 -27.74 14.98
CA ASN A 130 10.57 -28.15 14.58
C ASN A 130 10.15 -27.39 13.33
N VAL A 131 9.43 -28.07 12.45
CA VAL A 131 9.03 -27.44 11.21
C VAL A 131 8.10 -26.27 11.52
N ASP A 132 7.40 -26.32 12.65
CA ASP A 132 6.45 -25.27 13.03
C ASP A 132 6.99 -24.18 13.95
N SER A 133 8.29 -24.17 14.20
CA SER A 133 8.87 -23.19 15.12
C SER A 133 10.34 -22.90 14.92
N PHE A 134 10.96 -23.45 13.90
CA PHE A 134 12.39 -23.24 13.75
C PHE A 134 12.84 -21.78 13.69
N TRP A 135 12.00 -20.90 13.14
CA TRP A 135 12.33 -19.48 13.07
C TRP A 135 12.19 -18.79 14.43
N LEU A 136 11.63 -19.49 15.42
CA LEU A 136 11.51 -19.01 16.82
C LEU A 136 12.50 -19.67 17.77
N ASP A 137 12.78 -20.97 17.60
CA ASP A 137 13.70 -21.66 18.53
C ASP A 137 14.58 -22.74 17.89
N GLY A 138 14.75 -22.67 16.57
CA GLY A 138 15.47 -23.68 15.83
C GLY A 138 16.79 -23.08 15.39
N GLY A 139 17.27 -23.51 14.23
CA GLY A 139 18.66 -23.25 13.80
C GLY A 139 18.86 -22.11 12.80
N ILE A 140 17.76 -21.58 12.27
CA ILE A 140 17.91 -20.54 11.26
C ILE A 140 18.41 -19.26 11.91
N ARG A 141 19.31 -18.58 11.24
CA ARG A 141 19.84 -17.30 11.75
C ARG A 141 20.01 -16.36 10.58
N ILE A 142 19.80 -15.08 10.83
CA ILE A 142 20.04 -14.10 9.77
C ILE A 142 20.51 -12.79 10.40
N SER A 143 21.38 -12.10 9.68
CA SER A 143 21.92 -10.81 10.11
C SER A 143 21.08 -9.70 9.49
N ALA A 144 21.26 -8.50 10.02
CA ALA A 144 20.54 -7.36 9.48
C ALA A 144 20.93 -7.07 8.05
N THR A 145 22.22 -7.25 7.73
CA THR A 145 22.69 -7.08 6.32
C THR A 145 22.08 -8.13 5.42
N GLU A 146 21.95 -9.34 5.91
CA GLU A 146 21.29 -10.35 5.10
C GLU A 146 19.79 -10.08 4.90
N GLN A 147 19.14 -9.51 5.90
CA GLN A 147 17.75 -9.08 5.75
C GLN A 147 17.60 -8.07 4.61
N ILE A 148 18.47 -7.07 4.59
CA ILE A 148 18.51 -6.16 3.43
C ILE A 148 18.66 -6.84 2.06
N SER A 149 19.60 -7.77 1.93
CA SER A 149 19.79 -8.45 0.64
C SER A 149 18.53 -9.13 0.21
N PHE A 150 17.91 -9.82 1.16
CA PHE A 150 16.67 -10.53 0.87
C PHE A 150 15.58 -9.58 0.47
N LEU A 151 15.43 -8.50 1.22
CA LEU A 151 14.38 -7.52 0.96
C LEU A 151 14.57 -6.81 -0.37
N ARG A 152 15.82 -6.50 -0.72
CA ARG A 152 16.07 -5.97 -2.06
C ARG A 152 15.54 -6.86 -3.19
N LYS A 153 15.75 -8.16 -3.09
CA LYS A 153 15.17 -9.09 -4.08
C LYS A 153 13.66 -9.02 -4.13
N LEU A 154 13.05 -9.00 -2.95
CA LEU A 154 11.62 -8.93 -2.87
C LEU A 154 11.16 -7.64 -3.56
N TYR A 155 11.82 -6.53 -3.23
CA TYR A 155 11.41 -5.25 -3.77
C TYR A 155 11.40 -5.33 -5.30
N HIS A 156 12.37 -6.01 -5.88
CA HIS A 156 12.52 -6.03 -7.33
C HIS A 156 11.81 -7.24 -7.95
N ASN A 157 11.03 -7.99 -7.18
CA ASN A 157 10.40 -9.21 -7.69
C ASN A 157 11.38 -10.25 -8.21
N LYS A 158 12.55 -10.33 -7.63
CA LYS A 158 13.56 -11.23 -8.10
C LYS A 158 13.62 -12.51 -7.32
N LEU A 159 12.79 -12.70 -6.30
CA LEU A 159 12.81 -13.98 -5.60
C LEU A 159 12.19 -15.07 -6.46
N HIS A 160 12.52 -16.34 -6.21
CA HIS A 160 12.04 -17.49 -7.03
C HIS A 160 10.66 -17.91 -6.53
N VAL A 161 9.73 -16.97 -6.56
CA VAL A 161 8.32 -17.23 -6.46
C VAL A 161 7.65 -16.31 -7.48
N SER A 162 6.37 -16.52 -7.71
CA SER A 162 5.65 -15.76 -8.71
C SER A 162 5.70 -14.27 -8.34
N GLU A 163 5.64 -13.42 -9.37
CA GLU A 163 5.45 -12.00 -9.16
C GLU A 163 4.25 -11.71 -8.30
N ARG A 164 3.18 -12.47 -8.54
CA ARG A 164 1.96 -12.29 -7.75
C ARG A 164 2.17 -12.43 -6.25
N SER A 165 2.88 -13.50 -5.88
CA SER A 165 3.21 -13.75 -4.48
C SER A 165 3.97 -12.57 -3.90
N GLN A 166 4.98 -12.09 -4.61
CA GLN A 166 5.78 -10.98 -4.11
C GLN A 166 4.95 -9.68 -3.98
N ARG A 167 4.01 -9.44 -4.91
CA ARG A 167 3.17 -8.28 -4.80
C ARG A 167 2.20 -8.38 -3.63
N ILE A 168 1.65 -9.55 -3.38
CA ILE A 168 0.74 -9.70 -2.28
C ILE A 168 1.44 -9.51 -0.92
N VAL A 169 2.64 -10.06 -0.79
CA VAL A 169 3.38 -9.91 0.43
C VAL A 169 3.84 -8.47 0.62
N LYS A 170 4.21 -7.76 -0.44
CA LYS A 170 4.55 -6.34 -0.26
C LYS A 170 3.34 -5.48 0.14
N GLN A 171 2.17 -5.84 -0.37
CA GLN A 171 0.96 -5.22 0.07
C GLN A 171 0.72 -5.52 1.56
N ALA A 172 0.93 -6.77 1.97
CA ALA A 172 0.67 -7.11 3.37
C ALA A 172 1.67 -6.50 4.35
N MET A 173 2.81 -6.08 3.83
CA MET A 173 3.84 -5.46 4.67
C MET A 173 3.57 -3.99 4.92
N LEU A 174 2.60 -3.45 4.18
CA LEU A 174 2.29 -2.03 4.26
C LEU A 174 2.12 -1.59 5.72
N THR A 175 2.84 -0.58 6.17
CA THR A 175 2.81 -0.22 7.58
C THR A 175 2.37 1.22 7.73
N GLU A 176 2.92 2.11 6.91
CA GLU A 176 2.57 3.52 7.00
C GLU A 176 2.66 4.15 5.61
N ALA A 177 1.75 5.06 5.28
CA ALA A 177 1.84 5.81 4.05
C ALA A 177 1.31 7.24 4.24
N ASN A 178 1.95 8.19 3.56
CA ASN A 178 1.49 9.57 3.56
C ASN A 178 2.10 10.30 2.36
N GLY A 179 1.92 11.61 2.33
CA GLY A 179 2.39 12.39 1.18
C GLY A 179 3.90 12.42 1.05
N ASP A 180 4.62 11.98 2.09
CA ASP A 180 6.09 12.06 2.10
C ASP A 180 6.78 10.70 1.90
N TYR A 181 6.15 9.63 2.33
CA TYR A 181 6.83 8.35 2.21
C TYR A 181 5.83 7.22 2.38
N ILE A 182 6.26 6.02 1.96
CA ILE A 182 5.61 4.73 2.33
C ILE A 182 6.62 3.78 3.00
N ILE A 183 6.18 3.15 4.07
CA ILE A 183 6.96 2.15 4.75
C ILE A 183 6.29 0.81 4.62
N ARG A 184 7.06 -0.16 4.14
CA ARG A 184 6.66 -1.56 4.13
C ARG A 184 7.68 -2.28 4.99
N ALA A 185 7.21 -3.01 5.98
CA ALA A 185 8.11 -3.53 6.99
C ALA A 185 7.45 -4.62 7.83
N LYS A 186 8.30 -5.31 8.59
CA LYS A 186 7.82 -6.28 9.55
C LYS A 186 8.62 -6.25 10.85
N THR A 187 7.93 -6.23 11.98
CA THR A 187 8.55 -6.30 13.30
C THR A 187 8.77 -7.75 13.68
N GLY A 188 9.67 -7.94 14.63
CA GLY A 188 9.80 -9.21 15.32
C GLY A 188 10.39 -9.05 16.72
N TYR A 189 10.15 -10.06 17.55
CA TYR A 189 10.68 -10.11 18.90
C TYR A 189 11.07 -11.55 19.21
N SER A 190 12.38 -11.79 19.26
CA SER A 190 12.93 -13.09 19.59
C SER A 190 13.19 -13.20 21.08
N THR A 191 12.39 -14.03 21.74
CA THR A 191 12.38 -14.18 23.19
C THR A 191 12.75 -15.59 23.68
N ARG A 192 12.60 -16.64 22.87
CA ARG A 192 12.77 -18.02 23.37
C ARG A 192 14.21 -18.47 23.50
N ILE A 193 15.12 -17.81 22.82
CA ILE A 193 16.53 -18.11 22.93
C ILE A 193 17.24 -16.79 23.15
N GLU A 194 18.10 -16.74 24.15
CA GLU A 194 18.88 -15.53 24.38
C GLU A 194 19.88 -15.36 23.25
N PRO A 195 20.29 -14.11 23.02
CA PRO A 195 19.80 -12.88 23.65
C PRO A 195 18.41 -12.50 23.14
N LYS A 196 17.58 -11.89 23.99
CA LYS A 196 16.27 -11.41 23.56
C LYS A 196 16.45 -10.16 22.70
N ILE A 197 15.95 -10.17 21.47
CA ILE A 197 16.18 -9.03 20.59
C ILE A 197 14.91 -8.68 19.86
N GLY A 198 14.78 -7.40 19.51
CA GLY A 198 13.66 -6.89 18.75
C GLY A 198 14.19 -6.58 17.38
N TRP A 199 13.35 -6.75 16.37
CA TRP A 199 13.69 -6.52 14.97
C TRP A 199 12.68 -5.53 14.36
N TRP A 200 13.15 -4.71 13.43
CA TRP A 200 12.24 -4.11 12.45
C TRP A 200 12.99 -4.08 11.12
N VAL A 201 12.41 -4.70 10.10
CA VAL A 201 13.05 -4.69 8.80
C VAL A 201 12.05 -4.31 7.73
N GLY A 202 12.53 -3.68 6.65
CA GLY A 202 11.66 -3.23 5.55
C GLY A 202 12.28 -2.13 4.70
N TRP A 203 11.49 -1.24 4.14
CA TRP A 203 12.08 -0.15 3.42
C TRP A 203 11.19 1.08 3.48
N VAL A 204 11.75 2.19 3.04
CA VAL A 204 10.94 3.39 2.84
C VAL A 204 11.02 3.84 1.38
N GLU A 205 9.84 3.95 0.79
CA GLU A 205 9.76 4.31 -0.61
C GLU A 205 9.56 5.81 -0.65
N LEU A 206 10.42 6.50 -1.39
CA LEU A 206 10.25 7.92 -1.70
C LEU A 206 9.87 8.12 -3.16
N ASP A 207 9.51 9.35 -3.55
CA ASP A 207 9.27 9.60 -4.98
C ASP A 207 10.34 9.06 -5.90
N ASP A 208 11.62 9.20 -5.55
CA ASP A 208 12.71 8.97 -6.52
C ASP A 208 13.82 8.08 -5.97
N ASN A 209 13.54 7.38 -4.87
CA ASN A 209 14.52 6.49 -4.28
C ASN A 209 13.82 5.55 -3.29
N VAL A 210 14.53 4.50 -2.93
CA VAL A 210 14.06 3.64 -1.85
C VAL A 210 15.22 3.38 -0.89
N TRP A 211 14.94 3.51 0.40
CA TRP A 211 15.92 3.21 1.42
C TRP A 211 15.47 1.98 2.18
N PHE A 212 16.29 0.93 2.10
CA PHE A 212 16.04 -0.29 2.86
C PHE A 212 16.59 -0.16 4.25
N PHE A 213 15.94 -0.81 5.20
CA PHE A 213 16.41 -0.77 6.57
C PHE A 213 16.24 -2.11 7.26
N ALA A 214 17.17 -2.40 8.17
CA ALA A 214 17.06 -3.53 9.07
C ALA A 214 17.76 -3.10 10.34
N MET A 215 17.07 -3.38 11.45
CA MET A 215 17.53 -3.00 12.77
C MET A 215 17.19 -4.13 13.70
N ASN A 216 18.09 -4.35 14.65
CA ASN A 216 17.75 -5.12 15.83
C ASN A 216 18.39 -4.48 17.08
N MET A 217 17.85 -4.80 18.24
CA MET A 217 18.28 -4.09 19.44
C MET A 217 17.98 -5.03 20.60
N ASP A 218 18.75 -4.94 21.68
CA ASP A 218 18.51 -5.86 22.80
C ASP A 218 17.19 -5.48 23.44
N MET A 219 16.39 -6.48 23.82
CA MET A 219 15.02 -6.25 24.32
C MET A 219 14.65 -7.18 25.47
N PRO A 220 15.12 -6.84 26.70
CA PRO A 220 14.91 -7.72 27.84
C PRO A 220 13.43 -7.86 28.17
N THR A 221 12.65 -6.83 27.90
CA THR A 221 11.24 -6.89 28.21
C THR A 221 10.45 -6.25 27.09
N SER A 222 9.16 -6.56 27.05
CA SER A 222 8.30 -6.03 26.03
C SER A 222 8.03 -4.52 26.11
N ASP A 223 8.34 -3.91 27.25
CA ASP A 223 8.07 -2.49 27.43
C ASP A 223 8.89 -1.58 26.52
N GLY A 224 10.00 -2.08 25.99
CA GLY A 224 10.79 -1.34 25.01
C GLY A 224 10.43 -1.53 23.52
N LEU A 225 9.35 -2.24 23.20
CA LEU A 225 9.14 -2.63 21.81
C LEU A 225 8.96 -1.44 20.85
N GLY A 226 8.32 -0.37 21.33
CA GLY A 226 8.10 0.81 20.52
C GLY A 226 9.40 1.49 20.12
N LEU A 227 10.47 1.15 20.82
CA LEU A 227 11.74 1.77 20.50
C LEU A 227 12.29 1.28 19.16
N ARG A 228 11.84 0.12 18.74
CA ARG A 228 12.26 -0.43 17.45
C ARG A 228 11.98 0.59 16.38
N GLN A 229 10.73 1.01 16.29
CA GLN A 229 10.33 1.98 15.27
C GLN A 229 10.87 3.37 15.59
N ALA A 230 10.81 3.74 16.88
CA ALA A 230 11.18 5.07 17.29
C ALA A 230 12.65 5.34 16.98
N ILE A 231 13.52 4.40 17.33
CA ILE A 231 14.93 4.64 17.06
C ILE A 231 15.24 4.66 15.56
N THR A 232 14.66 3.72 14.82
CA THR A 232 14.81 3.68 13.40
C THR A 232 14.42 5.00 12.74
N LYS A 233 13.27 5.52 13.13
CA LYS A 233 12.76 6.75 12.57
C LYS A 233 13.63 7.94 12.91
N GLU A 234 14.29 7.89 14.06
CA GLU A 234 15.17 8.98 14.46
C GLU A 234 16.41 8.97 13.57
N VAL A 235 16.81 7.76 13.18
CA VAL A 235 17.91 7.61 12.21
C VAL A 235 17.52 8.11 10.83
N LEU A 236 16.39 7.61 10.34
CA LEU A 236 15.79 8.11 9.14
C LEU A 236 15.67 9.63 9.12
N LYS A 237 15.13 10.22 10.19
CA LYS A 237 15.07 11.69 10.27
C LYS A 237 16.45 12.36 10.25
N GLN A 238 17.40 11.78 10.96
CA GLN A 238 18.71 12.39 11.08
C GLN A 238 19.35 12.40 9.71
N GLU A 239 19.14 11.34 8.95
CA GLU A 239 19.62 11.27 7.59
C GLU A 239 18.70 11.95 6.58
N LYS A 240 17.67 12.67 7.01
CA LYS A 240 16.83 13.42 6.05
C LYS A 240 16.04 12.55 5.08
N ILE A 241 15.91 11.26 5.37
CA ILE A 241 15.11 10.37 4.54
C ILE A 241 13.62 10.64 4.67
N ILE A 242 13.15 10.91 5.89
CA ILE A 242 11.79 11.31 6.18
C ILE A 242 11.81 12.62 6.96
N PRO A 243 10.77 13.46 6.85
CA PRO A 243 10.87 14.71 7.63
C PRO A 243 10.67 14.50 9.13
N LYS B 1 -28.32 -2.09 -5.67
CA LYS B 1 -27.62 -1.22 -4.66
C LYS B 1 -28.51 -0.11 -4.10
N GLU B 2 -29.02 -0.31 -2.89
CA GLU B 2 -29.90 0.64 -2.22
C GLU B 2 -29.06 1.74 -1.57
N TRP B 3 -29.49 2.98 -1.77
CA TRP B 3 -28.79 4.08 -1.13
C TRP B 3 -29.71 4.78 -0.14
N GLN B 4 -29.37 4.77 1.14
CA GLN B 4 -30.11 5.54 2.14
C GLN B 4 -29.61 6.96 2.21
N GLU B 5 -30.53 7.92 2.31
CA GLU B 5 -30.19 9.33 2.51
C GLU B 5 -29.95 9.60 4.00
N ASN B 6 -28.90 10.34 4.28
CA ASN B 6 -28.62 10.77 5.63
C ASN B 6 -28.21 12.23 5.46
N LYS B 7 -29.20 13.11 5.68
CA LYS B 7 -29.00 14.53 5.42
C LYS B 7 -28.15 15.21 6.48
N SER B 8 -27.95 14.57 7.62
CA SER B 8 -27.08 15.15 8.62
C SER B 8 -25.68 15.52 8.10
N TRP B 9 -25.22 14.85 7.04
CA TRP B 9 -23.87 15.10 6.52
C TRP B 9 -23.76 16.47 5.85
N ASN B 10 -24.89 17.02 5.42
CA ASN B 10 -24.94 18.41 4.92
C ASN B 10 -24.33 19.43 5.89
N ALA B 11 -24.43 19.16 7.18
CA ALA B 11 -23.77 20.03 8.14
C ALA B 11 -22.29 20.24 7.79
N HIS B 12 -21.61 19.22 7.24
CA HIS B 12 -20.18 19.34 6.97
C HIS B 12 -19.93 20.12 5.67
N PHE B 13 -20.89 20.10 4.76
CA PHE B 13 -20.87 21.01 3.60
C PHE B 13 -21.27 22.46 4.00
N THR B 14 -22.43 22.59 4.64
CA THR B 14 -22.90 23.87 5.19
C THR B 14 -21.78 24.57 5.96
N GLU B 15 -21.18 23.85 6.90
CA GLU B 15 -20.15 24.39 7.79
C GLU B 15 -18.98 24.94 7.03
N HIS B 16 -18.55 24.25 5.96
CA HIS B 16 -17.41 24.70 5.18
C HIS B 16 -17.93 25.49 3.97
N LYS B 17 -19.19 25.95 4.03
CA LYS B 17 -19.75 26.90 3.06
C LYS B 17 -19.85 26.34 1.63
N SER B 18 -20.15 25.06 1.52
CA SER B 18 -20.00 24.39 0.23
C SER B 18 -21.22 23.57 -0.15
N GLN B 19 -21.24 23.18 -1.41
CA GLN B 19 -22.23 22.23 -1.88
C GLN B 19 -21.62 20.99 -2.52
N GLY B 20 -22.12 19.82 -2.11
CA GLY B 20 -21.73 18.58 -2.77
C GLY B 20 -22.37 17.35 -2.21
N VAL B 21 -21.76 16.20 -2.54
CA VAL B 21 -22.27 14.91 -2.14
C VAL B 21 -21.13 13.97 -1.72
N VAL B 22 -21.43 13.18 -0.71
CA VAL B 22 -20.56 12.11 -0.29
C VAL B 22 -21.44 10.89 -0.42
N VAL B 23 -20.89 9.83 -1.02
CA VAL B 23 -21.53 8.53 -1.04
C VAL B 23 -20.61 7.49 -0.40
N LEU B 24 -21.19 6.60 0.39
CA LEU B 24 -20.47 5.60 1.16
C LEU B 24 -21.10 4.26 0.86
N TRP B 25 -20.28 3.24 0.66
CA TRP B 25 -20.76 1.89 0.55
C TRP B 25 -20.03 0.99 1.53
N ASN B 26 -20.83 0.35 2.38
CA ASN B 26 -20.37 -0.59 3.37
C ASN B 26 -20.39 -1.95 2.71
N GLU B 27 -19.21 -2.48 2.41
CA GLU B 27 -19.12 -3.69 1.62
C GLU B 27 -19.67 -4.89 2.37
N ASN B 28 -19.38 -5.02 3.65
CA ASN B 28 -19.95 -6.16 4.38
C ASN B 28 -21.49 -6.15 4.39
N LYS B 29 -22.09 -4.99 4.62
CA LYS B 29 -23.55 -4.93 4.74
C LYS B 29 -24.22 -4.81 3.39
N GLN B 30 -23.46 -4.43 2.39
CA GLN B 30 -24.04 -4.29 1.07
C GLN B 30 -25.11 -3.24 1.19
N GLN B 31 -24.74 -2.10 1.76
CA GLN B 31 -25.63 -0.97 1.97
C GLN B 31 -24.93 0.37 1.74
N GLY B 32 -25.62 1.28 1.07
CA GLY B 32 -25.06 2.58 0.75
C GLY B 32 -25.78 3.72 1.45
N PHE B 33 -25.07 4.84 1.56
CA PHE B 33 -25.58 6.02 2.22
C PHE B 33 -25.06 7.23 1.49
N THR B 34 -25.89 8.26 1.41
CA THR B 34 -25.45 9.53 0.86
C THR B 34 -26.27 10.65 1.45
N ASN B 35 -25.72 11.85 1.46
CA ASN B 35 -26.49 13.00 1.88
C ASN B 35 -27.47 13.49 0.81
N ASN B 36 -27.35 12.98 -0.41
CA ASN B 36 -28.13 13.51 -1.52
C ASN B 36 -28.29 12.58 -2.71
N LEU B 37 -29.38 11.84 -2.70
CA LEU B 37 -29.60 10.77 -3.66
C LEU B 37 -29.54 11.33 -5.06
N LYS B 38 -30.04 12.56 -5.26
CA LYS B 38 -30.08 13.08 -6.62
C LYS B 38 -28.69 13.37 -7.16
N ARG B 39 -27.92 14.16 -6.40
CA ARG B 39 -26.59 14.50 -6.84
C ARG B 39 -25.67 13.26 -6.83
N ALA B 40 -26.02 12.24 -6.04
CA ALA B 40 -25.30 10.97 -5.94
C ALA B 40 -25.29 10.28 -7.29
N ASN B 41 -26.36 10.52 -8.04
CA ASN B 41 -26.60 9.90 -9.34
C ASN B 41 -26.42 10.84 -10.53
N GLN B 42 -26.10 12.09 -10.27
CA GLN B 42 -25.75 12.99 -11.35
C GLN B 42 -24.36 12.67 -11.90
N ALA B 43 -24.27 12.67 -13.21
CA ALA B 43 -23.09 12.25 -13.90
C ALA B 43 -22.28 13.48 -14.27
N PHE B 44 -20.98 13.48 -13.94
CA PHE B 44 -20.10 14.56 -14.31
C PHE B 44 -18.91 14.02 -15.09
N LEU B 45 -18.15 14.92 -15.66
CA LEU B 45 -16.85 14.56 -16.18
C LEU B 45 -15.97 14.02 -15.03
N PRO B 46 -15.25 12.93 -15.25
CA PRO B 46 -14.45 12.35 -14.17
C PRO B 46 -13.16 13.13 -13.90
N ALA B 47 -12.71 13.87 -14.90
CA ALA B 47 -11.37 14.46 -14.89
C ALA B 47 -10.29 13.47 -14.42
N SER B 48 -9.39 13.93 -13.55
CA SER B 48 -8.26 13.11 -13.13
C SER B 48 -8.65 11.82 -12.41
N THR B 49 -9.89 11.66 -11.98
CA THR B 49 -10.28 10.36 -11.48
C THR B 49 -10.27 9.31 -12.59
N PHE B 50 -10.27 9.76 -13.84
CA PHE B 50 -10.12 8.88 -14.99
C PHE B 50 -8.77 8.17 -14.99
N LYS B 51 -7.85 8.64 -14.16
CA LYS B 51 -6.53 8.05 -14.13
C LYS B 51 -6.55 6.62 -13.62
N ILE B 52 -7.57 6.24 -12.86
CA ILE B 52 -7.76 4.83 -12.48
C ILE B 52 -7.96 3.93 -13.69
N PRO B 53 -9.04 4.13 -14.47
CA PRO B 53 -9.23 3.24 -15.61
C PRO B 53 -8.12 3.37 -16.65
N ASN B 54 -7.61 4.58 -16.79
CA ASN B 54 -6.63 4.84 -17.83
C ASN B 54 -5.39 4.02 -17.50
N SER B 55 -5.02 4.00 -16.21
CA SER B 55 -3.87 3.22 -15.78
C SER B 55 -4.05 1.73 -16.05
N LEU B 56 -5.25 1.26 -15.69
CA LEU B 56 -5.59 -0.16 -15.86
C LEU B 56 -5.42 -0.57 -17.30
N ILE B 57 -5.90 0.25 -18.23
CA ILE B 57 -5.85 -0.07 -19.65
C ILE B 57 -4.43 -0.03 -20.13
N ALA B 58 -3.73 1.03 -19.77
CA ALA B 58 -2.36 1.18 -20.20
C ALA B 58 -1.54 -0.05 -19.72
N LEU B 59 -1.70 -0.46 -18.48
CA LEU B 59 -0.95 -1.62 -18.00
C LEU B 59 -1.35 -2.90 -18.75
N ASP B 60 -2.64 -3.11 -18.92
CA ASP B 60 -3.14 -4.37 -19.47
C ASP B 60 -2.69 -4.50 -20.90
N LEU B 61 -2.60 -3.38 -21.61
CA LEU B 61 -2.13 -3.41 -22.98
C LEU B 61 -0.63 -3.34 -23.15
N GLY B 62 0.13 -3.15 -22.07
CA GLY B 62 1.59 -3.08 -22.22
C GLY B 62 2.07 -1.69 -22.58
N VAL B 63 1.16 -0.72 -22.61
CA VAL B 63 1.57 0.64 -22.88
C VAL B 63 2.46 1.01 -21.71
N VAL B 64 2.05 0.63 -20.50
CA VAL B 64 2.91 0.75 -19.33
C VAL B 64 3.35 -0.63 -18.90
N LYS B 65 4.65 -0.80 -18.82
CA LYS B 65 5.25 -2.09 -18.55
C LYS B 65 5.10 -2.47 -17.07
N ASP B 66 5.42 -1.54 -16.17
CA ASP B 66 5.25 -1.72 -14.74
C ASP B 66 5.36 -0.35 -14.06
N GLU B 67 5.22 -0.36 -12.76
CA GLU B 67 5.09 0.87 -12.03
C GLU B 67 6.45 1.55 -11.85
N HIS B 68 7.53 0.95 -12.32
CA HIS B 68 8.84 1.57 -12.21
C HIS B 68 9.26 2.23 -13.52
N GLN B 69 8.54 1.96 -14.60
CA GLN B 69 8.94 2.46 -15.91
C GLN B 69 8.87 3.98 -15.86
N VAL B 70 9.87 4.65 -16.42
CA VAL B 70 10.01 6.10 -16.33
C VAL B 70 9.46 6.75 -17.57
N PHE B 71 8.59 7.74 -17.38
CA PHE B 71 8.09 8.54 -18.49
C PHE B 71 8.79 9.89 -18.39
N LYS B 72 9.66 10.11 -19.38
CA LYS B 72 10.55 11.26 -19.33
C LYS B 72 9.79 12.52 -19.61
N TRP B 73 10.03 13.55 -18.82
CA TRP B 73 9.40 14.85 -19.05
C TRP B 73 9.63 15.28 -20.49
N ASP B 74 8.61 15.80 -21.15
CA ASP B 74 8.81 16.24 -22.53
C ASP B 74 9.40 17.65 -22.67
N GLY B 75 9.78 18.29 -21.57
CA GLY B 75 10.55 19.53 -21.60
C GLY B 75 9.68 20.77 -21.69
N GLN B 76 8.37 20.56 -21.73
CA GLN B 76 7.45 21.67 -21.76
C GLN B 76 7.10 22.03 -20.31
N THR B 77 7.38 23.27 -19.96
CA THR B 77 7.19 23.76 -18.61
C THR B 77 5.71 24.05 -18.45
N ARG B 78 5.04 23.52 -17.43
CA ARG B 78 3.61 23.75 -17.29
C ARG B 78 3.32 24.38 -15.95
N ASP B 79 2.06 24.75 -15.72
CA ASP B 79 1.65 25.50 -14.52
C ASP B 79 1.96 24.83 -13.20
N ILE B 80 2.03 23.51 -13.19
CA ILE B 80 2.15 22.74 -11.96
C ILE B 80 3.56 22.15 -11.93
N ALA B 81 4.34 22.53 -10.93
CA ALA B 81 5.79 22.34 -11.03
C ALA B 81 6.16 20.85 -11.04
N THR B 82 5.43 20.08 -10.25
CA THR B 82 5.67 18.64 -10.12
C THR B 82 5.50 17.91 -11.44
N TRP B 83 4.77 18.49 -12.38
CA TRP B 83 4.66 17.92 -13.72
C TRP B 83 5.95 18.01 -14.53
N ASN B 84 6.88 18.90 -14.15
CA ASN B 84 8.01 19.23 -15.02
C ASN B 84 9.24 18.42 -14.67
N ARG B 85 9.09 17.11 -14.77
CA ARG B 85 10.14 16.18 -14.37
C ARG B 85 9.70 14.78 -14.77
N ASP B 86 10.66 13.86 -14.74
CA ASP B 86 10.41 12.47 -15.06
C ASP B 86 9.43 11.91 -14.03
N HIS B 87 8.60 10.96 -14.44
CA HIS B 87 7.69 10.29 -13.51
C HIS B 87 7.59 8.80 -13.79
N ASN B 88 7.07 8.07 -12.81
CA ASN B 88 6.57 6.75 -13.08
C ASN B 88 5.09 6.69 -12.71
N LEU B 89 4.50 5.51 -12.79
CA LEU B 89 3.06 5.39 -12.56
C LEU B 89 2.70 5.87 -11.18
N ILE B 90 3.54 5.55 -10.21
CA ILE B 90 3.24 5.88 -8.82
C ILE B 90 3.23 7.40 -8.64
N THR B 91 4.29 8.04 -9.15
CA THR B 91 4.40 9.50 -9.01
C THR B 91 3.45 10.23 -9.95
N ALA B 92 3.19 9.68 -11.14
CA ALA B 92 2.20 10.25 -12.04
C ALA B 92 0.80 10.29 -11.48
N MET B 93 0.40 9.22 -10.77
CA MET B 93 -0.85 9.23 -10.05
C MET B 93 -0.80 10.24 -8.90
N LYS B 94 0.24 10.13 -8.09
CA LYS B 94 0.36 10.96 -6.90
C LYS B 94 0.21 12.43 -7.25
N TYR B 95 0.93 12.85 -8.28
CA TYR B 95 0.92 14.27 -8.65
C TYR B 95 -0.06 14.60 -9.79
N SER B 96 -0.84 13.60 -10.21
CA SER B 96 -1.88 13.76 -11.20
C SER B 96 -1.38 14.46 -12.44
N VAL B 97 -0.39 13.84 -13.06
CA VAL B 97 0.37 14.37 -14.19
C VAL B 97 -0.32 14.04 -15.53
N VAL B 98 -1.25 14.92 -15.93
CA VAL B 98 -2.08 14.79 -17.13
C VAL B 98 -1.29 14.48 -18.41
N PRO B 99 -0.18 15.18 -18.67
CA PRO B 99 0.46 14.90 -19.95
C PRO B 99 0.85 13.44 -20.05
N VAL B 100 1.31 12.86 -18.94
CA VAL B 100 1.75 11.46 -18.98
C VAL B 100 0.55 10.59 -19.38
N TYR B 101 -0.60 10.86 -18.78
CA TYR B 101 -1.85 10.14 -19.09
C TYR B 101 -2.49 10.44 -20.47
N GLN B 102 -2.30 11.64 -20.99
CA GLN B 102 -2.69 11.92 -22.37
C GLN B 102 -1.85 11.08 -23.31
N GLU B 103 -0.57 10.96 -23.04
CA GLU B 103 0.26 10.13 -23.91
C GLU B 103 -0.17 8.65 -23.88
N PHE B 104 -0.46 8.14 -22.68
CA PHE B 104 -1.03 6.80 -22.56
C PHE B 104 -2.25 6.65 -23.47
N ALA B 105 -3.21 7.58 -23.33
CA ALA B 105 -4.47 7.56 -24.09
C ALA B 105 -4.24 7.51 -25.59
N ARG B 106 -3.27 8.27 -26.09
CA ARG B 106 -2.97 8.29 -27.53
C ARG B 106 -2.47 6.92 -27.91
N GLN B 107 -1.69 6.30 -27.04
CA GLN B 107 -1.12 5.00 -27.40
C GLN B 107 -2.17 3.91 -27.31
N ILE B 108 -3.06 4.01 -26.33
CA ILE B 108 -4.19 3.07 -26.22
C ILE B 108 -5.04 3.13 -27.50
N GLY B 109 -5.40 4.35 -27.90
CA GLY B 109 -6.21 4.57 -29.09
C GLY B 109 -7.68 4.42 -28.78
N GLU B 110 -8.52 4.95 -29.66
CA GLU B 110 -9.90 5.17 -29.31
C GLU B 110 -10.69 3.89 -29.36
N ALA B 111 -10.32 2.98 -30.27
CA ALA B 111 -11.02 1.71 -30.36
C ALA B 111 -10.81 0.85 -29.10
N ARG B 112 -9.56 0.70 -28.66
CA ARG B 112 -9.28 -0.09 -27.44
C ARG B 112 -9.80 0.64 -26.19
N MET B 113 -9.74 1.96 -26.19
CA MET B 113 -10.30 2.71 -25.11
C MET B 113 -11.81 2.45 -24.98
N SER B 114 -12.53 2.62 -26.08
CA SER B 114 -13.96 2.44 -26.03
C SER B 114 -14.29 1.02 -25.56
N LYS B 115 -13.64 0.01 -26.13
CA LYS B 115 -13.94 -1.38 -25.76
C LYS B 115 -13.66 -1.70 -24.27
N MET B 116 -12.58 -1.16 -23.75
CA MET B 116 -12.26 -1.27 -22.35
C MET B 116 -13.31 -0.62 -21.46
N LEU B 117 -13.74 0.61 -21.76
CA LEU B 117 -14.76 1.26 -20.95
C LEU B 117 -16.14 0.59 -20.99
N HIS B 118 -16.46 -0.09 -22.09
CA HIS B 118 -17.62 -0.98 -22.09
C HIS B 118 -17.40 -2.15 -21.16
N ALA B 119 -16.25 -2.80 -21.27
CA ALA B 119 -15.98 -3.89 -20.36
C ALA B 119 -16.07 -3.43 -18.91
N PHE B 120 -15.63 -2.20 -18.64
CA PHE B 120 -15.63 -1.72 -17.25
C PHE B 120 -17.00 -1.20 -16.82
N ASP B 121 -17.97 -1.16 -17.75
CA ASP B 121 -19.21 -0.43 -17.51
C ASP B 121 -18.96 0.98 -16.96
N TYR B 122 -18.01 1.72 -17.55
CA TYR B 122 -17.60 2.95 -16.92
C TYR B 122 -18.47 4.14 -17.34
N GLY B 123 -19.23 4.66 -16.40
CA GLY B 123 -20.10 5.80 -16.61
C GLY B 123 -21.05 5.55 -17.75
N ASN B 124 -21.11 6.52 -18.65
CA ASN B 124 -21.97 6.43 -19.82
C ASN B 124 -21.20 5.80 -20.97
N GLU B 125 -19.96 5.37 -20.72
CA GLU B 125 -19.20 4.61 -21.72
C GLU B 125 -18.92 5.33 -23.01
N ASP B 126 -18.93 6.65 -22.99
CA ASP B 126 -18.84 7.47 -24.20
C ASP B 126 -17.51 8.22 -24.20
N ILE B 127 -16.68 7.98 -25.20
CA ILE B 127 -15.37 8.61 -25.28
C ILE B 127 -15.33 9.70 -26.34
N SER B 128 -16.48 10.24 -26.73
CA SER B 128 -16.48 11.22 -27.82
C SER B 128 -15.64 12.44 -27.43
N GLY B 129 -14.89 12.98 -28.38
CA GLY B 129 -14.01 14.12 -28.11
C GLY B 129 -12.62 13.72 -28.52
N ASN B 130 -11.60 14.46 -28.08
CA ASN B 130 -10.22 14.05 -28.36
C ASN B 130 -9.81 12.81 -27.56
N VAL B 131 -9.01 11.98 -28.21
CA VAL B 131 -8.62 10.72 -27.65
C VAL B 131 -7.81 10.95 -26.37
N ASP B 132 -7.20 12.13 -26.29
CA ASP B 132 -6.26 12.43 -25.23
C ASP B 132 -6.81 13.50 -24.35
N SER B 133 -8.11 13.77 -24.42
CA SER B 133 -8.72 14.69 -23.47
C SER B 133 -10.21 14.50 -23.21
N PHE B 134 -10.81 13.48 -23.79
CA PHE B 134 -12.25 13.27 -23.65
C PHE B 134 -12.77 13.26 -22.22
N TRP B 135 -11.93 12.81 -21.28
CA TRP B 135 -12.32 12.70 -19.85
C TRP B 135 -12.18 14.05 -19.11
N LEU B 136 -11.67 15.05 -19.83
CA LEU B 136 -11.54 16.44 -19.37
C LEU B 136 -12.58 17.38 -20.02
N ASP B 137 -12.86 17.18 -21.31
CA ASP B 137 -13.79 18.06 -22.02
C ASP B 137 -14.47 17.39 -23.20
N GLY B 138 -14.74 16.09 -23.08
CA GLY B 138 -15.38 15.31 -24.14
C GLY B 138 -16.72 14.83 -23.63
N GLY B 139 -17.19 13.70 -24.16
CA GLY B 139 -18.54 13.21 -23.82
C GLY B 139 -18.72 12.24 -22.65
N ILE B 140 -17.62 11.89 -21.98
CA ILE B 140 -17.70 10.96 -20.86
C ILE B 140 -18.26 11.55 -19.58
N ARG B 141 -19.17 10.80 -18.97
CA ARG B 141 -19.79 11.19 -17.70
C ARG B 141 -19.88 10.02 -16.74
N ILE B 142 -19.74 10.31 -15.46
CA ILE B 142 -19.94 9.28 -14.47
C ILE B 142 -20.42 9.91 -13.19
N SER B 143 -21.27 9.18 -12.50
CA SER B 143 -21.83 9.66 -11.27
C SER B 143 -21.01 9.11 -10.13
N ALA B 144 -21.25 9.64 -8.94
CA ALA B 144 -20.63 9.16 -7.73
C ALA B 144 -20.96 7.70 -7.45
N THR B 145 -22.23 7.33 -7.64
CA THR B 145 -22.64 5.95 -7.36
C THR B 145 -22.05 5.02 -8.42
N GLU B 146 -21.87 5.50 -9.64
CA GLU B 146 -21.19 4.71 -10.64
C GLU B 146 -19.69 4.55 -10.39
N GLN B 147 -19.07 5.54 -9.76
CA GLN B 147 -17.67 5.43 -9.37
C GLN B 147 -17.52 4.25 -8.40
N ILE B 148 -18.45 4.14 -7.45
CA ILE B 148 -18.39 3.05 -6.48
C ILE B 148 -18.58 1.67 -7.11
N SER B 149 -19.50 1.55 -8.05
CA SER B 149 -19.68 0.31 -8.78
C SER B 149 -18.38 -0.10 -9.44
N PHE B 150 -17.81 0.85 -10.18
CA PHE B 150 -16.53 0.63 -10.85
C PHE B 150 -15.43 0.22 -9.85
N LEU B 151 -15.36 0.93 -8.72
CA LEU B 151 -14.28 0.68 -7.75
C LEU B 151 -14.45 -0.63 -7.03
N ARG B 152 -15.68 -1.04 -6.77
CA ARG B 152 -15.90 -2.35 -6.14
C ARG B 152 -15.33 -3.46 -7.02
N LYS B 153 -15.51 -3.37 -8.34
CA LYS B 153 -14.93 -4.38 -9.21
C LYS B 153 -13.40 -4.36 -9.13
N LEU B 154 -12.82 -3.17 -9.16
CA LEU B 154 -11.36 -3.06 -9.01
C LEU B 154 -10.91 -3.77 -7.72
N TYR B 155 -11.61 -3.50 -6.63
CA TYR B 155 -11.22 -4.01 -5.35
C TYR B 155 -11.17 -5.53 -5.40
N HIS B 156 -12.13 -6.14 -6.07
CA HIS B 156 -12.23 -7.60 -6.07
C HIS B 156 -11.57 -8.22 -7.28
N ASN B 157 -10.83 -7.43 -8.05
CA ASN B 157 -10.15 -7.93 -9.22
C ASN B 157 -11.12 -8.51 -10.24
N LYS B 158 -12.30 -7.90 -10.38
CA LYS B 158 -13.27 -8.37 -11.35
C LYS B 158 -13.31 -7.63 -12.68
N LEU B 159 -12.49 -6.61 -12.91
CA LEU B 159 -12.55 -5.91 -14.20
C LEU B 159 -11.91 -6.81 -15.24
N HIS B 160 -12.26 -6.62 -16.52
CA HIS B 160 -11.74 -7.42 -17.65
C HIS B 160 -10.32 -6.92 -18.02
N VAL B 161 -9.40 -6.96 -17.06
CA VAL B 161 -7.96 -6.79 -17.29
C VAL B 161 -7.24 -7.80 -16.38
N SER B 162 -5.97 -8.05 -16.61
CA SER B 162 -5.26 -8.95 -15.70
C SER B 162 -5.36 -8.54 -14.23
N GLU B 163 -5.36 -9.56 -13.36
CA GLU B 163 -5.20 -9.35 -11.93
C GLU B 163 -3.98 -8.49 -11.65
N ARG B 164 -2.88 -8.75 -12.33
CA ARG B 164 -1.68 -7.95 -12.12
C ARG B 164 -1.89 -6.45 -12.35
N SER B 165 -2.63 -6.07 -13.40
CA SER B 165 -2.92 -4.66 -13.71
C SER B 165 -3.72 -3.99 -12.60
N GLN B 166 -4.70 -4.74 -12.11
CA GLN B 166 -5.51 -4.34 -10.98
C GLN B 166 -4.70 -4.13 -9.70
N ARG B 167 -3.83 -5.08 -9.36
CA ARG B 167 -3.01 -4.93 -8.16
C ARG B 167 -2.06 -3.76 -8.28
N ILE B 168 -1.51 -3.54 -9.49
CA ILE B 168 -0.61 -2.43 -9.66
C ILE B 168 -1.34 -1.13 -9.50
N VAL B 169 -2.56 -1.06 -10.04
CA VAL B 169 -3.26 0.20 -9.95
C VAL B 169 -3.67 0.43 -8.52
N LYS B 170 -4.11 -0.60 -7.81
CA LYS B 170 -4.51 -0.39 -6.43
C LYS B 170 -3.29 0.02 -5.59
N GLN B 171 -2.10 -0.42 -5.98
CA GLN B 171 -0.89 0.06 -5.33
C GLN B 171 -0.66 1.55 -5.63
N ALA B 172 -0.74 1.94 -6.89
CA ALA B 172 -0.66 3.35 -7.27
C ALA B 172 -1.70 4.27 -6.67
N MET B 173 -2.82 3.71 -6.20
CA MET B 173 -3.88 4.48 -5.54
C MET B 173 -3.59 4.78 -4.07
N LEU B 174 -2.60 4.09 -3.50
CA LEU B 174 -2.30 4.26 -2.09
C LEU B 174 -2.11 5.72 -1.72
N THR B 175 -2.89 6.20 -0.76
CA THR B 175 -2.90 7.60 -0.39
C THR B 175 -2.50 7.80 1.05
N GLU B 176 -3.05 6.98 1.93
CA GLU B 176 -2.73 7.06 3.33
C GLU B 176 -2.79 5.67 3.99
N ALA B 177 -1.93 5.45 4.97
CA ALA B 177 -2.01 4.24 5.78
C ALA B 177 -1.38 4.41 7.15
N ASN B 178 -2.03 3.80 8.13
CA ASN B 178 -1.53 3.83 9.49
C ASN B 178 -2.05 2.54 10.16
N GLY B 179 -1.95 2.39 11.47
CA GLY B 179 -2.46 1.19 12.11
C GLY B 179 -3.97 1.12 12.25
N ASP B 180 -4.71 2.13 11.82
CA ASP B 180 -6.18 2.08 11.84
C ASP B 180 -6.84 1.86 10.47
N TYR B 181 -6.23 2.33 9.41
CA TYR B 181 -6.91 2.26 8.14
C TYR B 181 -5.92 2.40 7.00
N ILE B 182 -6.39 2.00 5.83
CA ILE B 182 -5.69 2.28 4.56
C ILE B 182 -6.67 2.99 3.61
N ILE B 183 -6.26 4.08 2.98
CA ILE B 183 -7.11 4.74 1.99
C ILE B 183 -6.40 4.59 0.68
N ARG B 184 -7.11 4.03 -0.30
CA ARG B 184 -6.64 4.04 -1.68
C ARG B 184 -7.62 4.92 -2.45
N ALA B 185 -7.14 5.95 -3.13
CA ALA B 185 -8.07 6.90 -3.71
C ALA B 185 -7.44 7.73 -4.80
N LYS B 186 -8.29 8.46 -5.53
CA LYS B 186 -7.84 9.40 -6.54
C LYS B 186 -8.71 10.68 -6.53
N THR B 187 -8.04 11.81 -6.57
CA THR B 187 -8.71 13.10 -6.58
C THR B 187 -8.97 13.48 -8.01
N GLY B 188 -9.90 14.43 -8.18
CA GLY B 188 -9.90 15.15 -9.43
C GLY B 188 -10.54 16.52 -9.35
N TYR B 189 -10.38 17.26 -10.44
CA TYR B 189 -10.85 18.65 -10.53
C TYR B 189 -11.29 18.97 -11.95
N SER B 190 -12.59 19.02 -12.20
CA SER B 190 -13.11 19.27 -13.55
C SER B 190 -13.34 20.76 -13.67
N THR B 191 -12.38 21.46 -14.28
CA THR B 191 -12.48 22.88 -14.54
C THR B 191 -13.01 23.17 -15.94
N ARG B 192 -12.54 22.40 -16.92
CA ARG B 192 -12.60 22.77 -18.34
C ARG B 192 -13.99 22.88 -18.97
N ILE B 193 -15.04 22.55 -18.25
CA ILE B 193 -16.38 22.58 -18.80
C ILE B 193 -17.28 22.64 -17.57
N GLU B 194 -18.22 23.57 -17.52
CA GLU B 194 -18.95 23.83 -16.28
C GLU B 194 -19.72 22.57 -15.99
N PRO B 195 -20.15 22.37 -14.72
CA PRO B 195 -19.77 23.16 -13.54
C PRO B 195 -18.46 22.67 -12.98
N LYS B 196 -17.63 23.60 -12.50
CA LYS B 196 -16.37 23.27 -11.86
C LYS B 196 -16.62 22.43 -10.61
N ILE B 197 -16.11 21.20 -10.60
CA ILE B 197 -16.26 20.36 -9.42
C ILE B 197 -14.97 19.66 -9.02
N GLY B 198 -14.88 19.36 -7.74
CA GLY B 198 -13.84 18.51 -7.19
C GLY B 198 -14.38 17.12 -6.87
N TRP B 199 -13.53 16.11 -7.08
CA TRP B 199 -13.87 14.70 -6.84
C TRP B 199 -12.87 14.11 -5.85
N TRP B 200 -13.30 13.17 -5.03
CA TRP B 200 -12.38 12.20 -4.45
C TRP B 200 -13.11 10.87 -4.40
N VAL B 201 -12.54 9.81 -4.99
CA VAL B 201 -13.18 8.52 -4.95
C VAL B 201 -12.15 7.47 -4.54
N GLY B 202 -12.58 6.46 -3.81
CA GLY B 202 -11.68 5.42 -3.34
C GLY B 202 -12.39 4.55 -2.33
N TRP B 203 -11.60 4.05 -1.39
CA TRP B 203 -12.16 3.29 -0.30
C TRP B 203 -11.20 3.34 0.87
N VAL B 204 -11.71 2.91 2.02
CA VAL B 204 -10.93 2.76 3.19
C VAL B 204 -11.01 1.32 3.66
N GLU B 205 -9.84 0.74 3.78
CA GLU B 205 -9.71 -0.64 4.21
C GLU B 205 -9.56 -0.67 5.73
N LEU B 206 -10.46 -1.41 6.39
CA LEU B 206 -10.32 -1.70 7.80
C LEU B 206 -9.89 -3.15 7.94
N ASP B 207 -9.70 -3.56 9.18
CA ASP B 207 -9.26 -4.93 9.45
C ASP B 207 -10.36 -5.88 8.95
N ASP B 208 -11.62 -5.52 9.12
CA ASP B 208 -12.67 -6.51 8.85
C ASP B 208 -13.77 -6.01 7.96
N ASN B 209 -13.61 -4.83 7.37
CA ASN B 209 -14.55 -4.37 6.34
C ASN B 209 -13.81 -3.47 5.37
N VAL B 210 -14.51 -3.05 4.33
CA VAL B 210 -14.05 -1.93 3.55
C VAL B 210 -15.19 -0.96 3.26
N TRP B 211 -14.88 0.33 3.25
CA TRP B 211 -15.92 1.31 2.95
C TRP B 211 -15.51 2.00 1.68
N PHE B 212 -16.31 1.85 0.63
CA PHE B 212 -16.03 2.62 -0.57
C PHE B 212 -16.62 4.02 -0.44
N PHE B 213 -16.02 4.96 -1.16
CA PHE B 213 -16.54 6.31 -1.16
C PHE B 213 -16.31 6.98 -2.49
N ALA B 214 -17.21 7.93 -2.80
CA ALA B 214 -17.05 8.83 -3.93
C ALA B 214 -17.76 10.11 -3.52
N MET B 215 -17.08 11.23 -3.70
CA MET B 215 -17.66 12.50 -3.30
C MET B 215 -17.35 13.43 -4.44
N ASN B 216 -18.30 14.32 -4.72
CA ASN B 216 -17.97 15.49 -5.50
C ASN B 216 -18.61 16.75 -4.89
N MET B 217 -18.05 17.90 -5.25
CA MET B 217 -18.48 19.18 -4.65
C MET B 217 -18.18 20.34 -5.60
N ASP B 218 -18.90 21.45 -5.41
CA ASP B 218 -18.64 22.62 -6.25
C ASP B 218 -17.31 23.24 -5.87
N MET B 219 -16.58 23.68 -6.88
CA MET B 219 -15.21 24.10 -6.66
C MET B 219 -14.92 25.28 -7.58
N PRO B 220 -15.39 26.47 -7.20
CA PRO B 220 -15.29 27.60 -8.13
C PRO B 220 -13.83 27.96 -8.36
N THR B 221 -13.02 27.86 -7.32
CA THR B 221 -11.58 28.07 -7.46
C THR B 221 -10.80 26.99 -6.76
N SER B 222 -9.52 26.93 -7.12
CA SER B 222 -8.62 25.93 -6.60
C SER B 222 -8.45 26.05 -5.09
N ASP B 223 -8.87 27.17 -4.51
CA ASP B 223 -8.63 27.38 -3.10
C ASP B 223 -9.35 26.38 -2.19
N GLY B 224 -10.48 25.83 -2.64
CA GLY B 224 -11.20 24.85 -1.79
C GLY B 224 -10.81 23.38 -1.94
N LEU B 225 -9.79 23.09 -2.73
CA LEU B 225 -9.50 21.69 -3.07
C LEU B 225 -9.27 20.77 -1.85
N GLY B 226 -8.62 21.29 -0.81
CA GLY B 226 -8.45 20.57 0.45
C GLY B 226 -9.73 20.08 1.10
N LEU B 227 -10.86 20.65 0.70
CA LEU B 227 -12.15 20.28 1.30
C LEU B 227 -12.61 18.89 0.81
N ARG B 228 -12.13 18.48 -0.36
CA ARG B 228 -12.51 17.15 -0.89
C ARG B 228 -12.23 16.09 0.19
N GLN B 229 -10.96 15.98 0.55
CA GLN B 229 -10.57 15.04 1.60
C GLN B 229 -11.14 15.46 2.93
N ALA B 230 -11.06 16.76 3.23
CA ALA B 230 -11.36 17.17 4.60
C ALA B 230 -12.81 16.84 4.96
N ILE B 231 -13.71 17.10 4.02
CA ILE B 231 -15.14 16.85 4.23
C ILE B 231 -15.46 15.34 4.22
N THR B 232 -14.81 14.62 3.32
CA THR B 232 -14.97 13.16 3.30
C THR B 232 -14.57 12.58 4.64
N LYS B 233 -13.45 13.04 5.16
CA LYS B 233 -12.97 12.54 6.45
C LYS B 233 -13.90 12.95 7.61
N GLU B 234 -14.46 14.16 7.54
CA GLU B 234 -15.43 14.57 8.55
C GLU B 234 -16.58 13.56 8.57
N VAL B 235 -17.05 13.15 7.39
CA VAL B 235 -18.15 12.16 7.32
C VAL B 235 -17.76 10.77 7.81
N LEU B 236 -16.57 10.33 7.40
CA LEU B 236 -16.00 9.06 7.88
C LEU B 236 -15.85 9.05 9.40
N LYS B 237 -15.34 10.14 9.96
CA LYS B 237 -15.27 10.26 11.42
C LYS B 237 -16.66 10.23 12.07
N GLN B 238 -17.62 10.90 11.47
CA GLN B 238 -18.95 10.95 12.06
C GLN B 238 -19.49 9.53 12.07
N GLU B 239 -19.26 8.80 10.99
CA GLU B 239 -19.84 7.47 10.86
C GLU B 239 -19.02 6.41 11.58
N LYS B 240 -17.99 6.83 12.30
CA LYS B 240 -17.14 5.95 13.10
C LYS B 240 -16.33 4.98 12.25
N ILE B 241 -16.11 5.32 10.98
CA ILE B 241 -15.32 4.47 10.11
C ILE B 241 -13.83 4.64 10.41
N ILE B 242 -13.39 5.88 10.61
CA ILE B 242 -12.03 6.15 11.07
C ILE B 242 -12.06 6.89 12.41
N PRO B 243 -10.97 6.84 13.18
CA PRO B 243 -10.91 7.65 14.40
C PRO B 243 -11.00 9.14 14.11
OAL 602 C . 7.24 -8.37 17.45
SAI 602 C . 5.97 -8.02 16.88
OAJ 602 C . 6.02 -8.24 15.45
OAK 602 C . 5.40 -6.78 17.37
OAH 602 C . 4.80 -9.21 17.44
NAG 602 C . 5.20 -10.47 17.41
CAE 602 C . 4.44 -11.52 18.07
CAF 602 C . 4.78 -11.58 19.54
CB 602 C . 6.30 -11.61 19.75
CAD 602 C . 4.98 -12.76 17.41
N 602 C . 6.43 -12.70 17.61
CAM 602 C . 7.27 -12.26 16.58
OAN 602 C . 8.46 -12.18 16.68
CA 602 C . 6.92 -12.76 18.99
C 602 C . 6.71 -14.12 19.67
O 602 C . 6.06 -14.99 19.10
NAQ 602 C . 7.19 -14.32 20.89
NAR 602 C . 7.01 -15.47 21.67
CAS 602 C . 6.33 -16.59 21.44
OAU 602 C . 5.68 -16.79 20.41
CAT 602 C . 6.37 -17.62 22.55
CAV 602 C . 5.26 -17.40 23.60
NAW 602 C . 6.32 -16.87 24.52
CAX 602 C . 7.39 -17.56 23.71
CL CL D . 0.04 -1.27 -1.29
CD CD E . 21.50 -17.83 -4.45
CO CO F . 17.37 11.00 18.92
CD CD G . 15.03 9.73 20.98
CO CO H . -12.15 -10.61 -3.10
CO CO I . -17.88 19.14 10.40
CO CO J . -24.72 2.87 -24.67
CO CO K . -21.85 1.99 -26.47
CO CO L . 12.20 -3.07 -10.26
OAL 602 M . -5.61 17.22 -7.17
SAI 602 M . -6.22 16.71 -8.38
OAJ 602 M . -7.53 17.22 -8.67
OAK 602 M . -6.11 15.27 -8.53
OAH 602 M . -5.03 17.35 -9.47
NAG 602 M . -5.14 16.99 -10.73
CAE 602 M . -4.66 17.73 -11.86
CAF 602 M . -5.07 19.20 -11.77
CB 602 M . -6.58 19.40 -11.90
CAD 602 M . -5.25 17.09 -13.11
N 602 M . -6.71 17.30 -13.01
CAM 602 M . -7.55 16.31 -12.48
OAN 602 M . -8.76 16.46 -12.37
CA 602 M . -7.17 18.68 -13.09
C 602 M . -6.88 19.25 -14.49
O 602 M . -6.13 18.66 -15.25
NAQ 602 M . -7.40 20.43 -14.82
NAR 602 M . -6.71 21.35 -15.59
CAS 602 M . -6.09 21.13 -16.76
OAU 602 M . -6.09 20.02 -17.28
CAT 602 M . -5.40 22.31 -17.37
CAV 602 M . -6.21 23.63 -17.25
NAW 602 M . -6.68 23.39 -18.66
CAX 602 M . -5.47 22.53 -18.90
CO CO N . -21.71 -1.33 -22.33
CO CO O . -22.77 -0.92 -21.55
#